data_8Q2O
#
_entry.id   8Q2O
#
_cell.length_a   57.090
_cell.length_b   74.490
_cell.length_c   115.780
_cell.angle_alpha   90.000
_cell.angle_beta   102.500
_cell.angle_gamma   90.000
#
_symmetry.space_group_name_H-M   'C 1 2 1'
#
loop_
_entity.id
_entity.type
_entity.pdbx_description
1 polymer 'Alginate production protein AlgE'
2 non-polymer 'CITRATE ANION'
3 non-polymer 'SODIUM ION'
4 non-polymer 3,6,9,12,15,18,21,24-OCTAOXAHEXACOSAN-1-OL
5 non-polymer '[(2~{S})-2,3-bis(oxidanyl)propyl] 8-hexylselanyloctanoate'
6 non-polymer (HYDROXYETHYLOXY)TRI(ETHYLOXY)OCTANE
7 non-polymer 'SULFATE ION'
8 water water
#
_entity_poly.entity_id   1
_entity_poly.type   'polypeptide(L)'
_entity_poly.pdbx_seq_one_letter_code
;MGSSHHHHHHSSGLVPRGSHMANSGEAPKNFGLDVKITGESENDRDLGTAPGGTLNDIGIDLRPWAFGQWGDWSAYFMGQ
AVAATDTIETDTLQSDTDDGNNSRNDGREPDKSYLAAREFWVDYAGLTAYPGEHLRFGRQRLREDSGQWQDTNIEALNWS
FETTLLNAHAGVAQRFSEYRTDLDELAPEDKDRTHVFGDISTQWAPHHRIGVRIHHADDSGHLRRPGEEVDNLDKTYTGQ
LTWLGIEATGDAYNYRSSMPLNYWASATWLTGDRDNLTTTTVDDRRIATGKQSGDVNAFGVDLGLRWNIDEQWKAGVGYA
RGSGGGKDGEEQFQQTGLESNRSNFTGTRSRVHRFGEAFRGELSNLQAATLFGSWQLREDYDASLVYHKFWRVDDDSDIG
TSGINAALQPGEKDIGQELDLVVTKYFKQGLLPASMSQYVDEPSALIRFRGGLFKPGDAYGPGTDSTMHRAFVDFIWRF
;
_entity_poly.pdbx_strand_id   A
#
# COMPACT_ATOMS: atom_id res chain seq x y z
N GLY A 2 -2.13 3.52 22.48
CA GLY A 2 -2.05 2.17 21.95
C GLY A 2 -2.53 2.04 20.51
N SER A 3 -3.05 0.87 20.12
CA SER A 3 -3.39 0.72 18.72
C SER A 3 -4.50 1.64 18.26
N SER A 4 -5.27 2.23 19.17
CA SER A 4 -6.34 3.10 18.66
C SER A 4 -5.82 4.50 18.40
N HIS A 5 -4.59 4.80 18.76
CA HIS A 5 -4.11 6.16 18.59
C HIS A 5 -4.24 6.58 17.12
N HIS A 6 -4.64 7.85 16.88
CA HIS A 6 -4.93 8.25 15.49
C HIS A 6 -3.71 8.20 14.57
N HIS A 7 -2.48 8.17 15.10
CA HIS A 7 -1.30 8.01 14.25
C HIS A 7 -0.66 6.62 14.37
N HIS A 8 -1.34 5.66 14.99
CA HIS A 8 -0.75 4.36 15.25
C HIS A 8 -0.21 3.69 13.97
N HIS A 9 -0.97 3.76 12.86
CA HIS A 9 -0.54 3.08 11.64
C HIS A 9 0.40 3.89 10.79
N HIS A 10 0.65 5.18 11.12
CA HIS A 10 1.52 5.99 10.23
C HIS A 10 2.94 5.43 10.17
N SER A 11 3.50 5.39 8.94
CA SER A 11 4.80 4.77 8.82
C SER A 11 5.86 5.61 9.50
N SER A 12 5.61 6.92 9.71
CA SER A 12 6.74 7.71 10.21
C SER A 12 7.11 7.31 11.63
N GLY A 13 6.15 6.89 12.43
CA GLY A 13 6.48 6.51 13.80
C GLY A 13 7.13 7.60 14.62
N LEU A 14 6.75 8.86 14.38
CA LEU A 14 7.24 9.99 15.14
C LEU A 14 6.29 10.32 16.26
N VAL A 15 6.82 11.04 17.26
CA VAL A 15 6.04 11.40 18.43
C VAL A 15 6.29 12.87 18.70
N PRO A 16 5.29 13.74 18.63
CA PRO A 16 5.53 15.16 18.88
C PRO A 16 5.95 15.43 20.33
N ARG A 17 6.76 16.46 20.46
CA ARG A 17 7.14 17.00 21.75
C ARG A 17 5.91 17.43 22.53
N GLY A 18 5.91 17.11 23.83
CA GLY A 18 4.81 17.51 24.67
C GLY A 18 3.59 16.64 24.59
N SER A 19 3.60 15.59 23.78
CA SER A 19 2.43 14.75 23.63
C SER A 19 2.40 13.70 24.74
N HIS A 20 1.22 13.10 24.94
CA HIS A 20 1.08 12.03 25.93
C HIS A 20 1.95 10.83 25.55
N MET A 21 2.07 10.53 24.25
CA MET A 21 3.03 9.46 23.91
C MET A 21 4.46 9.84 24.25
N ALA A 22 4.81 11.14 24.21
CA ALA A 22 6.19 11.52 24.55
C ALA A 22 6.42 11.42 26.05
N ASN A 23 5.39 11.75 26.84
CA ASN A 23 5.53 11.80 28.31
C ASN A 23 4.16 11.49 28.87
N SER A 24 3.99 10.34 29.52
CA SER A 24 2.63 9.93 29.88
C SER A 24 2.00 10.85 30.91
N GLY A 25 2.73 11.84 31.43
CA GLY A 25 2.12 12.75 32.36
C GLY A 25 1.42 13.89 31.64
N GLU A 26 1.70 14.07 30.34
CA GLU A 26 1.00 15.05 29.50
C GLU A 26 -0.38 14.58 29.08
N ALA A 27 -1.28 15.55 28.89
CA ALA A 27 -2.59 15.26 28.37
C ALA A 27 -2.48 14.94 26.88
N PRO A 28 -3.37 14.09 26.37
CA PRO A 28 -3.45 13.85 24.91
C PRO A 28 -3.65 15.17 24.18
N LYS A 29 -2.89 15.33 23.09
CA LYS A 29 -2.97 16.56 22.31
C LYS A 29 -4.33 16.63 21.67
N ASN A 30 -4.88 17.84 21.63
CA ASN A 30 -6.11 17.95 20.84
C ASN A 30 -5.86 18.39 19.41
N PHE A 31 -4.64 18.79 19.10
CA PHE A 31 -4.28 19.13 17.73
C PHE A 31 -2.79 19.07 17.51
N GLY A 32 -2.42 19.06 16.23
CA GLY A 32 -1.03 19.06 15.89
C GLY A 32 -0.93 19.33 14.41
N LEU A 33 0.31 19.30 13.92
CA LEU A 33 0.57 19.58 12.52
C LEU A 33 1.67 18.64 12.08
N ASP A 34 1.49 17.95 10.95
CA ASP A 34 2.53 17.14 10.34
C ASP A 34 3.04 17.90 9.14
N VAL A 35 4.32 18.20 9.10
CA VAL A 35 4.90 18.92 7.98
C VAL A 35 5.83 18.00 7.20
N LYS A 36 5.73 18.01 5.87
CA LYS A 36 6.58 17.17 5.03
C LYS A 36 7.10 18.02 3.89
N ILE A 37 8.41 17.95 3.64
CA ILE A 37 9.00 18.50 2.42
C ILE A 37 9.57 17.32 1.68
N THR A 38 9.23 17.20 0.38
CA THR A 38 9.62 16.03 -0.42
C THR A 38 10.29 16.52 -1.69
N GLY A 39 11.42 15.93 -2.05
CA GLY A 39 11.94 16.00 -3.40
C GLY A 39 11.78 14.65 -4.08
N GLU A 40 11.50 14.68 -5.37
CA GLU A 40 11.42 13.43 -6.11
C GLU A 40 12.17 13.52 -7.42
N SER A 41 12.94 12.46 -7.74
CA SER A 41 13.57 12.33 -9.04
C SER A 41 13.04 11.04 -9.64
N GLU A 42 12.44 11.12 -10.82
CA GLU A 42 11.86 9.93 -11.44
C GLU A 42 12.22 10.01 -12.92
N ASN A 43 12.86 8.96 -13.44
CA ASN A 43 13.32 8.97 -14.82
C ASN A 43 13.65 7.54 -15.21
N ASP A 44 12.94 6.97 -16.18
CA ASP A 44 11.76 7.42 -16.90
C ASP A 44 10.72 6.35 -16.68
N ARG A 45 9.56 6.76 -16.20
CA ARG A 45 8.52 5.83 -15.86
C ARG A 45 8.06 5.02 -17.08
N ASP A 46 8.19 5.54 -18.29
CA ASP A 46 7.85 4.76 -19.47
C ASP A 46 9.06 4.15 -20.17
N LEU A 47 10.23 4.21 -19.55
CA LEU A 47 11.47 3.65 -20.10
C LEU A 47 11.85 4.32 -21.40
N GLY A 48 11.41 5.56 -21.58
CA GLY A 48 11.81 6.32 -22.73
C GLY A 48 10.98 6.06 -23.96
N THR A 49 9.81 5.43 -23.81
CA THR A 49 8.94 5.09 -24.92
C THR A 49 7.81 6.09 -25.13
N ALA A 50 7.87 7.26 -24.49
CA ALA A 50 6.74 8.18 -24.56
C ALA A 50 7.19 9.53 -23.99
N PRO A 51 6.51 10.62 -24.37
CA PRO A 51 6.81 11.91 -23.76
C PRO A 51 6.44 11.93 -22.28
N GLY A 52 7.17 12.75 -21.52
CA GLY A 52 6.90 12.78 -20.10
C GLY A 52 7.41 11.53 -19.41
N GLY A 53 6.95 11.34 -18.18
CA GLY A 53 7.43 10.25 -17.36
C GLY A 53 8.60 10.60 -16.47
N THR A 54 8.96 11.89 -16.39
CA THR A 54 10.14 12.28 -15.65
C THR A 54 9.79 13.38 -14.67
N LEU A 55 10.41 13.31 -13.50
CA LEU A 55 10.19 14.27 -12.43
C LEU A 55 11.54 14.63 -11.85
N ASN A 56 11.70 15.89 -11.54
CA ASN A 56 12.83 16.34 -10.74
CA ASN A 56 12.85 16.36 -10.76
C ASN A 56 12.33 17.58 -10.00
N ASP A 57 11.71 17.35 -8.84
CA ASP A 57 10.78 18.37 -8.37
C ASP A 57 10.63 18.29 -6.87
N ILE A 58 10.06 19.34 -6.30
CA ILE A 58 10.07 19.52 -4.86
C ILE A 58 8.72 20.07 -4.40
N GLY A 59 8.32 19.72 -3.19
CA GLY A 59 6.99 20.10 -2.74
C GLY A 59 6.92 20.13 -1.23
N ILE A 60 5.89 20.80 -0.71
CA ILE A 60 5.61 20.83 0.73
C ILE A 60 4.18 20.36 0.92
N ASP A 61 3.95 19.65 2.01
CA ASP A 61 2.68 18.98 2.27
C ASP A 61 2.43 19.20 3.75
N LEU A 62 1.39 19.97 4.05
CA LEU A 62 1.05 20.31 5.42
C LEU A 62 -0.23 19.60 5.84
N ARG A 63 -0.19 18.91 6.98
CA ARG A 63 -1.34 18.11 7.42
C ARG A 63 -1.73 18.46 8.83
N PRO A 64 -2.59 19.45 9.01
CA PRO A 64 -3.05 19.78 10.37
C PRO A 64 -4.07 18.76 10.80
N TRP A 65 -4.10 18.47 12.10
CA TRP A 65 -5.09 17.53 12.59
C TRP A 65 -5.67 17.96 13.91
N ALA A 66 -6.84 17.39 14.19
CA ALA A 66 -7.58 17.73 15.41
C ALA A 66 -8.12 16.47 16.02
N PHE A 67 -8.19 16.43 17.36
CA PHE A 67 -8.65 15.22 18.03
C PHE A 67 -9.42 15.60 19.28
N GLY A 68 -10.54 14.93 19.49
CA GLY A 68 -11.32 15.13 20.72
C GLY A 68 -11.68 13.79 21.33
N GLN A 69 -11.74 13.76 22.68
CA GLN A 69 -12.08 12.54 23.40
C GLN A 69 -13.04 12.85 24.53
N TRP A 70 -14.08 12.04 24.69
CA TRP A 70 -15.11 12.26 25.73
C TRP A 70 -15.66 10.90 26.14
N GLY A 71 -15.13 10.39 27.23
CA GLY A 71 -15.38 9.06 27.69
C GLY A 71 -15.04 8.08 26.59
N ASP A 72 -16.06 7.32 26.22
CA ASP A 72 -15.83 6.29 25.20
C ASP A 72 -15.90 6.82 23.78
N TRP A 73 -16.21 8.09 23.58
CA TRP A 73 -16.34 8.65 22.25
C TRP A 73 -15.09 9.45 21.91
N SER A 74 -14.74 9.46 20.62
CA SER A 74 -13.65 10.32 20.21
C SER A 74 -13.89 10.68 18.75
N ALA A 75 -13.16 11.68 18.27
CA ALA A 75 -13.30 12.09 16.87
C ALA A 75 -12.00 12.69 16.41
N TYR A 76 -11.80 12.69 15.08
CA TYR A 76 -10.52 13.00 14.47
C TYR A 76 -10.73 13.58 13.10
N PHE A 77 -9.94 14.60 12.78
CA PHE A 77 -9.87 15.17 11.43
C PHE A 77 -8.42 15.44 11.07
N MET A 78 -8.03 15.10 9.84
CA MET A 78 -6.76 15.54 9.31
C MET A 78 -6.99 16.08 7.91
N GLY A 79 -6.50 17.29 7.64
CA GLY A 79 -6.55 17.89 6.32
C GLY A 79 -5.17 17.86 5.71
N GLN A 80 -5.07 18.38 4.48
CA GLN A 80 -3.85 18.26 3.70
C GLN A 80 -3.80 19.42 2.72
N ALA A 81 -2.68 20.12 2.69
CA ALA A 81 -2.42 21.15 1.68
C ALA A 81 -1.07 20.90 1.07
N VAL A 82 -1.03 20.84 -0.26
CA VAL A 82 0.20 20.53 -0.98
C VAL A 82 0.48 21.65 -1.95
N ALA A 83 1.74 22.04 -2.05
CA ALA A 83 2.22 22.90 -3.13
C ALA A 83 3.54 22.33 -3.64
N ALA A 84 3.62 22.07 -4.94
CA ALA A 84 4.84 21.48 -5.48
C ALA A 84 5.15 22.03 -6.88
N THR A 85 6.41 21.83 -7.31
CA THR A 85 6.81 22.37 -8.59
C THR A 85 6.36 21.49 -9.75
N ASP A 86 5.99 20.25 -9.50
CA ASP A 86 5.28 19.42 -10.46
C ASP A 86 4.51 18.40 -9.64
N THR A 87 3.78 17.49 -10.29
CA THR A 87 2.88 16.59 -9.55
C THR A 87 3.65 15.38 -9.00
N ILE A 88 4.36 15.60 -7.89
CA ILE A 88 5.19 14.58 -7.27
C ILE A 88 4.38 13.80 -6.27
N GLU A 89 4.95 12.70 -5.80
CA GLU A 89 4.26 11.89 -4.78
C GLU A 89 4.69 12.34 -3.40
N THR A 90 3.81 13.09 -2.72
CA THR A 90 4.05 13.39 -1.30
C THR A 90 3.31 12.44 -0.36
N ASP A 91 2.55 11.49 -0.89
CA ASP A 91 1.75 10.60 -0.05
C ASP A 91 1.94 9.20 -0.64
N THR A 92 2.63 8.33 0.09
CA THR A 92 2.80 6.95 -0.39
C THR A 92 1.47 6.23 -0.56
N LEU A 93 0.41 6.75 0.05
CA LEU A 93 -0.92 6.13 -0.04
C LEU A 93 -1.80 6.69 -1.14
N GLN A 94 -1.27 7.58 -2.00
CA GLN A 94 -2.12 8.44 -2.85
C GLN A 94 -2.88 7.63 -3.89
N SER A 95 -3.98 8.22 -4.35
CA SER A 95 -4.71 7.63 -5.46
C SER A 95 -3.83 7.62 -6.71
N ASP A 96 -3.93 6.56 -7.49
CA ASP A 96 -3.12 6.49 -8.69
C ASP A 96 -3.82 7.20 -9.84
N THR A 97 -3.05 7.94 -10.63
CA THR A 97 -3.59 8.72 -11.73
C THR A 97 -2.69 8.60 -12.97
N ASN A 105 -7.93 11.64 -19.02
CA ASN A 105 -8.21 11.49 -17.59
C ASN A 105 -9.03 12.67 -17.08
N ASP A 106 -10.17 12.94 -17.68
CA ASP A 106 -10.95 14.15 -17.39
C ASP A 106 -11.59 14.03 -16.01
N GLY A 107 -11.05 14.75 -15.03
CA GLY A 107 -11.41 14.61 -13.64
C GLY A 107 -10.44 13.78 -12.84
N ARG A 108 -9.41 13.21 -13.47
CA ARG A 108 -8.38 12.47 -12.74
C ARG A 108 -6.97 13.05 -12.97
N GLU A 109 -6.84 14.32 -13.35
CA GLU A 109 -5.48 14.88 -13.50
C GLU A 109 -5.14 15.63 -12.23
N PRO A 110 -4.12 15.25 -11.46
CA PRO A 110 -3.77 16.07 -10.29
C PRO A 110 -3.22 17.41 -10.71
N ASP A 111 -3.43 18.39 -9.84
CA ASP A 111 -2.83 19.72 -9.87
C ASP A 111 -1.56 19.68 -9.04
N LYS A 112 -0.64 20.60 -9.37
CA LYS A 112 0.60 20.75 -8.62
C LYS A 112 0.32 21.16 -7.18
N SER A 113 -0.76 21.90 -6.95
CA SER A 113 -1.11 22.31 -5.61
CA SER A 113 -1.13 22.35 -5.63
C SER A 113 -2.58 21.98 -5.41
N TYR A 114 -2.91 21.56 -4.20
CA TYR A 114 -4.29 21.13 -3.92
C TYR A 114 -4.53 21.07 -2.41
N LEU A 115 -5.81 21.02 -2.05
CA LEU A 115 -6.25 20.75 -0.70
C LEU A 115 -7.02 19.43 -0.65
N ALA A 116 -6.97 18.79 0.51
CA ALA A 116 -7.67 17.50 0.65
C ALA A 116 -8.13 17.31 2.08
N ALA A 117 -9.22 16.59 2.25
CA ALA A 117 -9.58 16.09 3.58
C ALA A 117 -9.09 14.65 3.66
N ARG A 118 -8.11 14.35 4.54
CA ARG A 118 -7.48 13.04 4.53
C ARG A 118 -8.24 12.05 5.40
N GLU A 119 -8.54 12.46 6.64
CA GLU A 119 -9.26 11.59 7.53
C GLU A 119 -10.32 12.39 8.24
N PHE A 120 -11.43 11.75 8.53
CA PHE A 120 -12.49 12.39 9.32
C PHE A 120 -13.31 11.26 9.89
N TRP A 121 -13.26 11.07 11.21
CA TRP A 121 -13.99 9.95 11.72
C TRP A 121 -14.43 10.17 13.16
N VAL A 122 -15.43 9.40 13.57
CA VAL A 122 -15.87 9.31 14.97
C VAL A 122 -15.66 7.86 15.44
N ASP A 123 -15.38 7.68 16.72
CA ASP A 123 -14.97 6.36 17.20
C ASP A 123 -15.71 6.12 18.51
N TYR A 124 -16.15 4.89 18.73
CA TYR A 124 -16.81 4.54 19.97
C TYR A 124 -16.09 3.33 20.54
N ALA A 125 -15.60 3.45 21.77
CA ALA A 125 -14.78 2.39 22.36
C ALA A 125 -15.51 1.66 23.48
N GLY A 126 -16.78 1.90 23.65
CA GLY A 126 -17.54 1.40 24.78
C GLY A 126 -18.23 0.08 24.60
N LEU A 127 -18.07 -0.60 23.46
CA LEU A 127 -18.76 -1.87 23.40
C LEU A 127 -18.18 -2.89 24.38
N THR A 128 -16.87 -2.82 24.61
CA THR A 128 -16.24 -3.68 25.59
C THR A 128 -15.27 -2.84 26.37
N ALA A 129 -14.92 -3.37 27.53
CA ALA A 129 -14.00 -2.67 28.42
C ALA A 129 -12.55 -2.72 27.97
N TYR A 130 -12.22 -3.49 26.93
CA TYR A 130 -10.87 -3.52 26.40
C TYR A 130 -10.54 -2.24 25.65
N PRO A 131 -9.51 -1.49 26.04
CA PRO A 131 -9.18 -0.31 25.24
C PRO A 131 -8.61 -0.68 23.90
N GLY A 132 -8.15 -1.92 23.71
CA GLY A 132 -7.79 -2.37 22.38
C GLY A 132 -8.98 -2.63 21.43
N GLU A 133 -10.21 -2.47 21.91
CA GLU A 133 -11.42 -2.74 21.13
C GLU A 133 -12.18 -1.44 20.90
N HIS A 134 -12.48 -1.14 19.65
CA HIS A 134 -13.17 0.11 19.36
C HIS A 134 -13.77 0.04 17.97
N LEU A 135 -14.73 0.93 17.70
CA LEU A 135 -15.46 0.93 16.44
C LEU A 135 -15.30 2.30 15.81
N ARG A 136 -14.85 2.37 14.58
CA ARG A 136 -14.50 3.65 13.96
C ARG A 136 -15.29 3.84 12.65
N PHE A 137 -15.88 5.03 12.49
CA PHE A 137 -16.75 5.33 11.37
C PHE A 137 -16.31 6.63 10.70
N GLY A 138 -15.98 6.58 9.39
CA GLY A 138 -15.61 7.77 8.66
C GLY A 138 -14.46 7.46 7.75
N ARG A 139 -13.86 8.49 7.15
CA ARG A 139 -12.68 8.24 6.31
C ARG A 139 -11.48 8.05 7.24
N GLN A 140 -10.87 6.87 7.19
CA GLN A 140 -9.94 6.52 8.25
C GLN A 140 -8.82 5.68 7.66
N ARG A 141 -7.70 5.72 8.34
CA ARG A 141 -6.61 4.83 7.99
C ARG A 141 -6.97 3.40 8.36
N LEU A 142 -6.91 2.52 7.35
CA LEU A 142 -7.04 1.07 7.53
C LEU A 142 -5.68 0.47 7.21
N ARG A 143 -5.17 -0.35 8.10
CA ARG A 143 -3.90 -0.98 7.78
C ARG A 143 -3.78 -2.32 8.49
N GLU A 144 -3.24 -3.31 7.76
CA GLU A 144 -2.72 -4.51 8.44
C GLU A 144 -1.21 -4.63 8.12
N ASP A 145 -0.51 -5.46 8.92
CA ASP A 145 0.94 -5.31 9.01
C ASP A 145 1.68 -5.61 7.71
N SER A 146 1.15 -6.45 6.84
CA SER A 146 1.86 -6.75 5.61
C SER A 146 1.72 -5.62 4.60
N GLY A 147 0.70 -4.77 4.77
CA GLY A 147 0.37 -3.79 3.74
C GLY A 147 -0.21 -4.39 2.49
N GLN A 148 -0.41 -5.70 2.43
CA GLN A 148 -0.78 -6.30 1.16
C GLN A 148 -2.27 -6.51 0.96
N TRP A 149 -3.07 -6.26 1.99
CA TRP A 149 -4.52 -6.30 1.90
C TRP A 149 -5.13 -4.91 2.05
N GLN A 150 -4.70 -4.20 3.10
CA GLN A 150 -5.21 -2.83 3.29
C GLN A 150 -4.12 -1.97 3.91
N ASP A 151 -3.89 -0.84 3.26
CA ASP A 151 -3.05 0.21 3.83
C ASP A 151 -3.43 1.51 3.11
N THR A 152 -4.47 2.19 3.61
CA THR A 152 -5.05 3.25 2.79
C THR A 152 -5.94 4.09 3.71
N ASN A 153 -6.28 5.30 3.25
CA ASN A 153 -7.32 6.09 3.92
C ASN A 153 -8.58 5.93 3.10
N ILE A 154 -9.65 5.47 3.74
CA ILE A 154 -10.88 5.18 3.02
C ILE A 154 -12.07 5.32 3.98
N GLU A 155 -13.22 5.69 3.40
CA GLU A 155 -14.47 5.75 4.17
C GLU A 155 -14.85 4.35 4.60
N ALA A 156 -15.04 4.15 5.92
CA ALA A 156 -15.27 2.78 6.33
C ALA A 156 -16.03 2.79 7.64
N LEU A 157 -16.59 1.64 7.97
CA LEU A 157 -16.99 1.37 9.36
C LEU A 157 -16.16 0.17 9.75
N ASN A 158 -15.28 0.29 10.76
CA ASN A 158 -14.33 -0.79 11.00
C ASN A 158 -14.25 -1.04 12.50
N TRP A 159 -14.40 -2.29 12.87
CA TRP A 159 -14.33 -2.72 14.25
C TRP A 159 -12.98 -3.39 14.48
N SER A 160 -12.30 -3.01 15.57
CA SER A 160 -11.01 -3.59 15.91
C SER A 160 -11.08 -4.22 17.28
N PHE A 161 -10.37 -5.35 17.45
CA PHE A 161 -10.27 -5.95 18.79
C PHE A 161 -8.85 -6.45 18.92
N GLU A 162 -8.02 -5.82 19.76
CA GLU A 162 -6.59 -6.18 19.82
C GLU A 162 -6.23 -6.36 21.28
N THR A 163 -5.95 -7.62 21.66
CA THR A 163 -5.59 -8.03 23.04
C THR A 163 -4.38 -8.94 22.96
N THR A 164 -3.88 -9.38 24.12
CA THR A 164 -2.66 -10.19 24.09
C THR A 164 -2.88 -11.45 23.28
N LEU A 165 -3.90 -12.20 23.60
CA LEU A 165 -4.08 -13.51 23.01
C LEU A 165 -4.87 -13.51 21.71
N LEU A 166 -5.76 -12.55 21.52
CA LEU A 166 -6.63 -12.63 20.34
C LEU A 166 -6.73 -11.26 19.71
N ASN A 167 -6.57 -11.23 18.40
CA ASN A 167 -6.82 -10.03 17.61
C ASN A 167 -7.94 -10.36 16.63
N ALA A 168 -8.83 -9.39 16.38
CA ALA A 168 -9.86 -9.60 15.36
C ALA A 168 -10.27 -8.24 14.81
N HIS A 169 -10.71 -8.23 13.56
CA HIS A 169 -11.24 -6.98 12.96
C HIS A 169 -12.36 -7.34 12.02
N ALA A 170 -13.25 -6.39 11.78
CA ALA A 170 -14.30 -6.61 10.77
C ALA A 170 -14.73 -5.23 10.30
N GLY A 171 -14.95 -5.08 8.97
CA GLY A 171 -15.31 -3.76 8.50
C GLY A 171 -15.87 -3.80 7.09
N VAL A 172 -16.36 -2.64 6.69
CA VAL A 172 -16.89 -2.40 5.34
CA VAL A 172 -16.90 -2.40 5.36
C VAL A 172 -16.35 -1.06 4.90
N ALA A 173 -16.03 -0.95 3.61
CA ALA A 173 -15.45 0.31 3.14
C ALA A 173 -15.86 0.56 1.68
N GLN A 174 -15.92 1.85 1.30
CA GLN A 174 -16.26 2.19 -0.10
C GLN A 174 -15.78 3.61 -0.34
N ARG A 175 -15.19 3.88 -1.52
CA ARG A 175 -14.86 5.26 -1.87
C ARG A 175 -16.05 5.95 -2.51
N PHE A 176 -16.37 7.15 -2.01
CA PHE A 176 -17.38 7.98 -2.63
C PHE A 176 -16.79 9.23 -3.27
N SER A 177 -15.59 9.62 -2.83
CA SER A 177 -14.91 10.80 -3.35
C SER A 177 -13.42 10.67 -3.03
N GLU A 178 -12.59 11.49 -3.71
CA GLU A 178 -11.21 11.69 -3.30
C GLU A 178 -11.07 12.76 -2.25
N TYR A 179 -12.07 13.61 -2.09
CA TYR A 179 -12.08 14.75 -1.18
C TYR A 179 -10.89 15.64 -1.44
N ARG A 180 -10.68 15.97 -2.72
CA ARG A 180 -9.51 16.69 -3.17
C ARG A 180 -9.96 17.81 -4.09
N THR A 181 -9.25 18.92 -4.08
CA THR A 181 -9.71 20.04 -4.92
C THR A 181 -9.43 19.82 -6.38
N ASP A 182 -8.52 18.90 -6.69
CA ASP A 182 -8.16 18.69 -8.09
C ASP A 182 -8.77 17.44 -8.74
N LEU A 183 -8.95 16.34 -8.03
CA LEU A 183 -9.53 15.11 -8.58
C LEU A 183 -11.04 15.14 -8.38
N ASP A 184 -11.77 15.35 -9.45
CA ASP A 184 -13.22 15.49 -9.39
C ASP A 184 -13.95 14.15 -9.45
N GLU A 185 -13.29 13.08 -9.89
CA GLU A 185 -13.92 11.80 -10.15
C GLU A 185 -13.13 10.71 -9.47
N LEU A 186 -13.79 9.58 -9.22
CA LEU A 186 -13.09 8.41 -8.69
C LEU A 186 -12.40 7.66 -9.81
N ALA A 187 -11.37 6.90 -9.48
CA ALA A 187 -10.84 5.95 -10.43
C ALA A 187 -11.93 4.93 -10.76
N PRO A 188 -12.04 4.48 -12.00
CA PRO A 188 -13.11 3.53 -12.32
C PRO A 188 -13.11 2.27 -11.47
N GLU A 189 -11.94 1.76 -11.07
CA GLU A 189 -11.93 0.54 -10.29
C GLU A 189 -12.57 0.75 -8.93
N ASP A 190 -12.50 1.97 -8.41
CA ASP A 190 -13.12 2.32 -7.12
C ASP A 190 -14.61 2.66 -7.17
N LYS A 191 -15.12 3.05 -8.34
CA LYS A 191 -16.47 3.58 -8.41
C LYS A 191 -17.46 2.42 -8.21
N ASP A 192 -18.36 2.59 -7.23
CA ASP A 192 -19.42 1.61 -6.88
C ASP A 192 -18.86 0.26 -6.42
N ARG A 193 -17.66 0.25 -5.85
CA ARG A 193 -17.07 -0.99 -5.40
C ARG A 193 -17.12 -0.97 -3.89
N THR A 194 -17.75 -1.98 -3.31
CA THR A 194 -17.87 -2.09 -1.86
C THR A 194 -16.92 -3.18 -1.37
N HIS A 195 -16.18 -2.91 -0.31
CA HIS A 195 -15.32 -3.93 0.30
C HIS A 195 -15.86 -4.35 1.66
N VAL A 196 -15.82 -5.63 1.96
N VAL A 196 -15.75 -5.64 1.96
CA VAL A 196 -16.10 -6.09 3.32
CA VAL A 196 -16.12 -6.19 3.27
C VAL A 196 -14.96 -7.03 3.68
C VAL A 196 -15.01 -7.13 3.70
N PHE A 197 -14.56 -7.02 4.94
CA PHE A 197 -13.35 -7.73 5.27
C PHE A 197 -13.31 -8.06 6.74
N GLY A 198 -12.53 -9.07 7.10
CA GLY A 198 -12.28 -9.27 8.52
C GLY A 198 -11.10 -10.20 8.72
N ASP A 199 -10.69 -10.34 9.98
CA ASP A 199 -9.59 -11.26 10.28
C ASP A 199 -9.69 -11.68 11.74
N ILE A 200 -9.03 -12.79 12.06
CA ILE A 200 -8.88 -13.24 13.46
CA ILE A 200 -8.93 -13.28 13.47
C ILE A 200 -7.55 -14.00 13.55
N SER A 201 -6.85 -13.71 14.63
CA SER A 201 -5.52 -14.33 14.78
C SER A 201 -5.24 -14.51 16.26
N THR A 202 -4.28 -15.35 16.55
CA THR A 202 -3.94 -15.57 17.96
C THR A 202 -2.43 -15.69 18.08
N GLN A 203 -1.93 -15.22 19.24
CA GLN A 203 -0.51 -15.31 19.57
C GLN A 203 -0.43 -16.66 20.24
N TRP A 204 -0.08 -17.68 19.48
CA TRP A 204 -0.12 -19.04 20.03
C TRP A 204 1.10 -19.35 20.86
N ALA A 205 2.21 -18.68 20.64
CA ALA A 205 3.41 -18.71 21.47
C ALA A 205 3.91 -17.27 21.47
N PRO A 206 4.68 -16.87 22.47
CA PRO A 206 5.04 -15.45 22.51
C PRO A 206 5.83 -15.04 21.26
N HIS A 207 5.37 -13.97 20.63
CA HIS A 207 5.86 -13.41 19.38
C HIS A 207 5.56 -14.26 18.16
N HIS A 208 4.75 -15.30 18.26
CA HIS A 208 4.33 -16.05 17.05
C HIS A 208 2.83 -15.99 16.87
N ARG A 209 2.35 -15.57 15.69
CA ARG A 209 0.93 -15.37 15.50
CA ARG A 209 0.94 -15.35 15.50
C ARG A 209 0.48 -16.19 14.31
N ILE A 210 -0.70 -16.74 14.41
CA ILE A 210 -1.32 -17.42 13.26
C ILE A 210 -2.72 -16.90 13.13
N GLY A 211 -3.14 -16.69 11.88
CA GLY A 211 -4.45 -16.08 11.67
C GLY A 211 -5.00 -16.36 10.29
N VAL A 212 -6.30 -16.05 10.17
CA VAL A 212 -7.00 -16.13 8.89
C VAL A 212 -7.54 -14.74 8.56
N ARG A 213 -7.74 -14.51 7.26
CA ARG A 213 -8.14 -13.17 6.85
C ARG A 213 -9.06 -13.33 5.68
N ILE A 214 -10.06 -12.46 5.59
CA ILE A 214 -10.97 -12.53 4.45
C ILE A 214 -11.20 -11.12 3.92
N HIS A 215 -11.33 -11.02 2.59
CA HIS A 215 -11.72 -9.77 1.99
C HIS A 215 -12.68 -10.05 0.83
N HIS A 216 -13.75 -9.25 0.69
CA HIS A 216 -14.65 -9.41 -0.45
C HIS A 216 -14.85 -8.08 -1.14
N ALA A 217 -14.70 -8.03 -2.47
CA ALA A 217 -14.96 -6.78 -3.20
C ALA A 217 -16.09 -7.03 -4.17
N ASP A 218 -17.06 -6.13 -4.17
CA ASP A 218 -18.25 -6.35 -4.99
C ASP A 218 -18.48 -5.07 -5.78
N ASP A 219 -18.57 -5.20 -7.11
CA ASP A 219 -18.84 -4.06 -7.98
C ASP A 219 -20.33 -3.94 -8.31
N SER A 220 -20.93 -2.78 -8.01
CA SER A 220 -22.32 -2.55 -8.36
C SER A 220 -22.42 -1.82 -9.68
N GLY A 221 -21.29 -1.42 -10.24
CA GLY A 221 -21.31 -0.55 -11.40
C GLY A 221 -21.60 -1.36 -12.65
N HIS A 222 -21.66 -0.67 -13.78
CA HIS A 222 -21.90 -1.37 -15.04
C HIS A 222 -20.82 -1.03 -16.05
N LEU A 223 -20.73 -1.88 -17.07
CA LEU A 223 -19.77 -1.67 -18.13
C LEU A 223 -20.46 -0.94 -19.29
N ARG A 224 -19.65 -0.24 -20.08
CA ARG A 224 -20.17 0.38 -21.29
C ARG A 224 -20.79 -0.68 -22.17
N ARG A 225 -21.87 -0.28 -22.91
CA ARG A 225 -22.61 -1.17 -23.81
C ARG A 225 -21.99 -1.18 -25.19
N PRO A 226 -22.20 -2.27 -25.97
CA PRO A 226 -21.60 -2.36 -27.30
C PRO A 226 -21.90 -1.13 -28.14
N GLY A 227 -20.86 -0.59 -28.78
CA GLY A 227 -20.96 0.56 -29.63
C GLY A 227 -20.65 1.86 -28.93
N GLU A 228 -20.70 1.88 -27.58
CA GLU A 228 -20.43 3.09 -26.84
C GLU A 228 -18.95 3.36 -26.83
N GLU A 229 -18.57 4.62 -26.89
CA GLU A 229 -17.17 4.92 -26.77
C GLU A 229 -16.68 4.73 -25.32
N VAL A 230 -15.44 4.28 -25.20
CA VAL A 230 -14.82 3.88 -23.93
C VAL A 230 -13.61 4.77 -23.70
N ASP A 231 -13.58 5.42 -22.54
CA ASP A 231 -12.47 6.32 -22.25
C ASP A 231 -11.88 5.92 -20.91
N ASN A 232 -11.01 6.76 -20.35
CA ASN A 232 -10.26 6.33 -19.17
C ASN A 232 -11.08 6.41 -17.87
N LEU A 233 -12.25 7.03 -17.85
CA LEU A 233 -13.10 6.98 -16.67
C LEU A 233 -14.03 5.77 -16.65
N ASP A 234 -13.99 4.93 -17.68
CA ASP A 234 -14.81 3.73 -17.71
C ASP A 234 -14.08 2.51 -17.15
N LYS A 235 -14.85 1.67 -16.50
CA LYS A 235 -14.37 0.39 -15.99
C LYS A 235 -13.86 -0.52 -17.11
N THR A 236 -12.85 -1.31 -16.76
CA THR A 236 -12.42 -2.42 -17.60
C THR A 236 -13.09 -3.74 -17.22
N TYR A 237 -13.77 -3.82 -16.08
CA TYR A 237 -14.38 -5.05 -15.61
C TYR A 237 -15.24 -4.73 -14.41
N THR A 238 -16.14 -5.66 -14.08
CA THR A 238 -16.86 -5.70 -12.81
C THR A 238 -16.58 -7.04 -12.17
N GLY A 239 -16.44 -7.09 -10.85
CA GLY A 239 -16.01 -8.30 -10.20
C GLY A 239 -16.79 -8.55 -8.93
N GLN A 240 -16.96 -9.81 -8.59
CA GLN A 240 -17.35 -10.20 -7.24
C GLN A 240 -16.23 -11.12 -6.79
N LEU A 241 -15.36 -10.65 -5.90
CA LEU A 241 -14.12 -11.35 -5.67
C LEU A 241 -13.93 -11.58 -4.18
N THR A 242 -13.49 -12.78 -3.81
CA THR A 242 -13.22 -13.09 -2.41
C THR A 242 -11.79 -13.57 -2.25
N TRP A 243 -11.07 -12.97 -1.30
CA TRP A 243 -9.74 -13.40 -0.90
C TRP A 243 -9.81 -14.07 0.45
N LEU A 244 -9.30 -15.30 0.53
CA LEU A 244 -9.29 -16.05 1.78
C LEU A 244 -7.86 -16.44 2.07
N GLY A 245 -7.34 -16.02 3.21
CA GLY A 245 -5.92 -16.18 3.48
C GLY A 245 -5.61 -16.76 4.85
N ILE A 246 -4.46 -17.46 4.91
CA ILE A 246 -3.87 -17.85 6.19
CA ILE A 246 -3.83 -17.90 6.17
C ILE A 246 -2.53 -17.13 6.28
N GLU A 247 -2.14 -16.75 7.52
CA GLU A 247 -0.94 -15.93 7.65
C GLU A 247 -0.26 -16.32 8.96
N ALA A 248 1.03 -16.59 8.88
CA ALA A 248 1.80 -16.88 10.10
C ALA A 248 2.95 -15.91 10.16
N THR A 249 3.23 -15.35 11.34
N THR A 249 3.26 -15.43 11.36
CA THR A 249 4.36 -14.45 11.45
CA THR A 249 4.28 -14.40 11.50
C THR A 249 5.04 -14.69 12.78
C THR A 249 5.02 -14.59 12.82
N GLY A 250 6.35 -14.49 12.76
CA GLY A 250 7.12 -14.42 14.00
C GLY A 250 7.85 -13.11 13.99
N ASP A 251 7.35 -12.11 14.73
CA ASP A 251 7.95 -10.78 14.68
C ASP A 251 8.27 -10.32 13.24
N ALA A 252 7.38 -10.57 12.27
CA ALA A 252 7.76 -10.35 10.88
C ALA A 252 8.05 -8.90 10.64
N TYR A 253 7.28 -8.00 11.29
CA TYR A 253 7.36 -6.58 10.99
C TYR A 253 7.73 -5.81 12.24
N ASN A 254 8.46 -6.47 13.15
CA ASN A 254 8.79 -5.88 14.47
C ASN A 254 10.28 -5.53 14.45
N TYR A 255 10.58 -4.23 14.38
CA TYR A 255 11.96 -3.79 14.29
C TYR A 255 12.70 -3.90 15.63
N ARG A 256 12.00 -4.21 16.70
CA ARG A 256 12.61 -4.33 18.03
C ARG A 256 12.68 -5.78 18.49
N SER A 257 12.57 -6.73 17.58
CA SER A 257 12.57 -8.13 17.98
C SER A 257 13.85 -8.51 18.72
N SER A 258 13.68 -9.41 19.65
CA SER A 258 14.77 -10.06 20.35
C SER A 258 14.98 -11.49 19.89
N MET A 259 14.08 -12.03 19.08
CA MET A 259 14.29 -13.37 18.56
C MET A 259 15.41 -13.35 17.53
N PRO A 260 16.18 -14.43 17.41
CA PRO A 260 17.30 -14.43 16.46
C PRO A 260 16.81 -14.49 15.02
N LEU A 261 15.65 -15.04 14.83
CA LEU A 261 15.08 -15.18 13.50
C LEU A 261 13.65 -14.63 13.52
N ASN A 262 13.23 -13.98 12.42
CA ASN A 262 11.84 -13.57 12.28
C ASN A 262 11.38 -14.08 10.92
N TYR A 263 10.07 -14.22 10.78
CA TYR A 263 9.56 -14.78 9.52
C TYR A 263 8.15 -14.34 9.24
N TRP A 264 7.77 -14.50 7.97
CA TRP A 264 6.37 -14.37 7.59
C TRP A 264 6.08 -15.47 6.57
N ALA A 265 4.83 -15.96 6.60
CA ALA A 265 4.40 -16.90 5.59
C ALA A 265 2.92 -16.69 5.38
N SER A 266 2.48 -16.48 4.14
CA SER A 266 1.09 -16.17 3.88
CA SER A 266 1.08 -16.28 3.95
C SER A 266 0.67 -16.94 2.64
N ALA A 267 -0.50 -17.47 2.69
CA ALA A 267 -1.07 -18.06 1.48
C ALA A 267 -2.47 -17.54 1.30
N THR A 268 -2.85 -17.16 0.07
CA THR A 268 -4.13 -16.51 -0.18
C THR A 268 -4.79 -17.09 -1.42
N TRP A 269 -6.06 -17.49 -1.27
CA TRP A 269 -6.84 -18.00 -2.37
C TRP A 269 -7.82 -16.91 -2.81
N LEU A 270 -7.89 -16.68 -4.13
CA LEU A 270 -8.76 -15.66 -4.69
C LEU A 270 -9.80 -16.38 -5.54
N THR A 271 -11.06 -16.24 -5.20
CA THR A 271 -12.13 -16.92 -5.95
C THR A 271 -13.22 -15.93 -6.27
N GLY A 272 -14.08 -16.29 -7.24
CA GLY A 272 -15.12 -15.35 -7.57
C GLY A 272 -15.28 -15.32 -9.08
N ASP A 273 -15.76 -14.20 -9.60
CA ASP A 273 -16.01 -14.05 -11.03
CA ASP A 273 -16.05 -14.05 -11.03
C ASP A 273 -15.78 -12.61 -11.46
N ARG A 274 -15.42 -12.43 -12.73
CA ARG A 274 -15.23 -11.11 -13.31
C ARG A 274 -15.99 -11.07 -14.61
N ASP A 275 -16.53 -9.90 -14.94
CA ASP A 275 -17.13 -9.62 -16.26
C ASP A 275 -16.18 -8.64 -16.91
N ASN A 276 -15.46 -9.07 -17.96
CA ASN A 276 -14.40 -8.25 -18.53
C ASN A 276 -14.92 -7.55 -19.77
N LEU A 277 -14.76 -6.24 -19.81
CA LEU A 277 -15.15 -5.48 -21.00
C LEU A 277 -14.29 -5.83 -22.21
N THR A 278 -14.91 -5.99 -23.41
CA THR A 278 -14.08 -6.05 -24.60
C THR A 278 -14.27 -4.80 -25.43
N THR A 279 -13.21 -4.41 -26.15
CA THR A 279 -13.23 -3.19 -26.96
C THR A 279 -12.51 -3.42 -28.30
N THR A 280 -12.75 -2.50 -29.22
CA THR A 280 -11.99 -2.46 -30.47
C THR A 280 -11.66 -1.00 -30.71
N THR A 281 -10.65 -0.75 -31.55
CA THR A 281 -10.30 0.61 -31.89
C THR A 281 -10.83 0.92 -33.28
N VAL A 282 -11.52 2.05 -33.39
CA VAL A 282 -12.13 2.53 -34.63
C VAL A 282 -11.74 4.00 -34.73
N ASP A 283 -10.69 4.31 -35.50
CA ASP A 283 -10.29 5.66 -35.87
C ASP A 283 -9.99 6.54 -34.64
N ASP A 284 -8.90 6.18 -33.95
CA ASP A 284 -8.40 6.93 -32.80
C ASP A 284 -9.41 6.94 -31.66
N ARG A 285 -10.27 5.94 -31.63
CA ARG A 285 -11.29 5.84 -30.62
C ARG A 285 -11.38 4.39 -30.17
N ARG A 286 -11.79 4.19 -28.93
CA ARG A 286 -12.02 2.86 -28.39
C ARG A 286 -13.51 2.67 -28.23
N ILE A 287 -14.02 1.55 -28.72
CA ILE A 287 -15.45 1.29 -28.79
C ILE A 287 -15.72 -0.01 -28.07
N ALA A 288 -16.71 -0.04 -27.20
CA ALA A 288 -17.06 -1.29 -26.55
C ALA A 288 -17.64 -2.27 -27.55
N THR A 289 -17.28 -3.57 -27.40
CA THR A 289 -17.80 -4.64 -28.25
C THR A 289 -18.56 -5.71 -27.49
N GLY A 290 -18.61 -5.67 -26.16
CA GLY A 290 -19.31 -6.71 -25.44
C GLY A 290 -18.62 -6.89 -24.10
N LYS A 291 -18.78 -8.08 -23.54
CA LYS A 291 -18.08 -8.46 -22.31
C LYS A 291 -18.05 -9.97 -22.20
N GLN A 292 -17.14 -10.48 -21.37
CA GLN A 292 -17.01 -11.91 -21.19
C GLN A 292 -16.91 -12.17 -19.71
N SER A 293 -17.73 -13.09 -19.21
CA SER A 293 -17.67 -13.46 -17.78
C SER A 293 -16.74 -14.66 -17.57
N GLY A 294 -16.11 -14.74 -16.41
CA GLY A 294 -15.41 -15.99 -16.18
C GLY A 294 -15.02 -16.09 -14.73
N ASP A 295 -14.90 -17.32 -14.23
CA ASP A 295 -14.45 -17.57 -12.85
CA ASP A 295 -14.49 -17.47 -12.83
C ASP A 295 -13.03 -17.08 -12.63
N VAL A 296 -12.73 -16.72 -11.38
CA VAL A 296 -11.34 -16.54 -10.96
C VAL A 296 -11.08 -17.61 -9.93
N ASN A 297 -9.93 -18.28 -10.05
CA ASN A 297 -9.52 -19.29 -9.09
C ASN A 297 -7.99 -19.18 -9.08
N ALA A 298 -7.50 -18.29 -8.23
CA ALA A 298 -6.10 -17.90 -8.28
C ALA A 298 -5.46 -17.97 -6.89
N PHE A 299 -4.13 -17.84 -6.89
CA PHE A 299 -3.45 -18.10 -5.62
C PHE A 299 -2.23 -17.19 -5.47
N GLY A 300 -1.99 -16.72 -4.24
CA GLY A 300 -0.83 -15.93 -3.96
C GLY A 300 -0.12 -16.41 -2.70
N VAL A 301 1.21 -16.22 -2.70
CA VAL A 301 2.04 -16.66 -1.55
C VAL A 301 3.11 -15.62 -1.34
N ASP A 302 3.48 -15.42 -0.08
CA ASP A 302 4.58 -14.52 0.25
C ASP A 302 5.26 -15.13 1.46
N LEU A 303 6.58 -15.31 1.34
CA LEU A 303 7.38 -15.95 2.39
C LEU A 303 8.60 -15.11 2.66
N GLY A 304 9.01 -15.02 3.93
CA GLY A 304 10.26 -14.32 4.17
C GLY A 304 10.89 -14.76 5.47
N LEU A 305 12.19 -14.59 5.54
CA LEU A 305 12.97 -14.99 6.72
C LEU A 305 14.01 -13.91 6.96
N ARG A 306 14.10 -13.43 8.21
CA ARG A 306 15.02 -12.36 8.56
C ARG A 306 15.89 -12.84 9.70
N TRP A 307 17.19 -12.67 9.49
CA TRP A 307 18.22 -12.98 10.48
C TRP A 307 18.50 -11.71 11.28
N ASN A 308 18.35 -11.77 12.60
CA ASN A 308 18.71 -10.69 13.51
C ASN A 308 20.13 -11.00 14.01
N ILE A 309 21.10 -10.54 13.23
CA ILE A 309 22.49 -10.93 13.42
C ILE A 309 23.02 -10.37 14.73
N ASP A 310 22.71 -9.11 14.99
CA ASP A 310 22.98 -8.54 16.34
C ASP A 310 21.99 -7.41 16.56
N GLU A 311 22.26 -6.54 17.56
CA GLU A 311 21.29 -5.48 17.83
C GLU A 311 21.18 -4.50 16.67
N GLN A 312 22.21 -4.42 15.84
CA GLN A 312 22.21 -3.45 14.76
C GLN A 312 21.94 -4.08 13.41
N TRP A 313 22.49 -5.25 13.13
CA TRP A 313 22.50 -5.72 11.74
C TRP A 313 21.45 -6.80 11.53
N LYS A 314 20.80 -6.78 10.35
CA LYS A 314 19.80 -7.80 10.00
C LYS A 314 19.95 -8.07 8.51
N ALA A 315 19.48 -9.24 8.09
CA ALA A 315 19.52 -9.54 6.66
C ALA A 315 18.51 -10.63 6.43
N GLY A 316 18.14 -10.83 5.16
CA GLY A 316 17.08 -11.80 5.00
C GLY A 316 16.74 -12.04 3.54
N VAL A 317 15.74 -12.88 3.36
CA VAL A 317 15.35 -13.29 2.02
C VAL A 317 13.84 -13.38 1.95
N GLY A 318 13.33 -13.25 0.71
CA GLY A 318 11.89 -13.33 0.50
C GLY A 318 11.56 -13.93 -0.84
N TYR A 319 10.39 -14.55 -0.91
CA TYR A 319 9.88 -15.07 -2.17
C TYR A 319 8.40 -14.81 -2.18
N ALA A 320 7.89 -14.30 -3.31
CA ALA A 320 6.44 -14.14 -3.39
C ALA A 320 6.01 -14.53 -4.80
N ARG A 321 4.76 -14.99 -4.91
CA ARG A 321 4.26 -15.34 -6.24
C ARG A 321 2.77 -15.08 -6.27
N GLY A 322 2.31 -14.34 -7.27
CA GLY A 322 0.88 -14.22 -7.53
C GLY A 322 0.63 -14.94 -8.85
N SER A 323 -0.32 -15.87 -8.83
CA SER A 323 -0.50 -16.71 -10.03
C SER A 323 -0.88 -15.84 -11.24
N GLY A 324 -0.72 -16.39 -12.46
CA GLY A 324 -1.17 -15.67 -13.63
C GLY A 324 -1.70 -16.61 -14.69
N GLY A 325 -2.45 -16.03 -15.61
CA GLY A 325 -2.87 -16.77 -16.82
C GLY A 325 -3.94 -17.78 -16.46
N GLY A 326 -3.77 -19.02 -16.98
CA GLY A 326 -4.70 -20.11 -16.70
C GLY A 326 -5.85 -20.12 -17.71
N LYS A 327 -6.75 -21.08 -17.54
CA LYS A 327 -7.84 -21.27 -18.50
C LYS A 327 -8.72 -20.04 -18.47
N ASP A 328 -8.83 -19.35 -19.61
CA ASP A 328 -9.62 -18.12 -19.72
C ASP A 328 -9.26 -17.16 -18.60
N GLY A 329 -7.98 -17.16 -18.22
CA GLY A 329 -7.51 -16.14 -17.29
C GLY A 329 -7.90 -16.38 -15.85
N GLU A 330 -8.38 -17.58 -15.51
CA GLU A 330 -8.90 -17.78 -14.16
C GLU A 330 -7.82 -17.75 -13.12
N GLU A 331 -6.57 -17.99 -13.51
CA GLU A 331 -5.50 -18.02 -12.50
C GLU A 331 -4.84 -16.67 -12.34
N GLN A 332 -5.45 -15.61 -12.80
CA GLN A 332 -4.76 -14.33 -12.70
C GLN A 332 -5.04 -13.78 -11.29
N PHE A 333 -4.06 -13.85 -10.41
CA PHE A 333 -4.28 -13.26 -9.11
C PHE A 333 -4.30 -11.73 -9.24
N GLN A 334 -4.93 -11.08 -8.25
CA GLN A 334 -4.85 -9.62 -8.17
C GLN A 334 -5.02 -9.25 -6.71
N GLN A 335 -4.55 -8.05 -6.34
CA GLN A 335 -4.74 -7.65 -4.95
C GLN A 335 -6.02 -6.84 -4.76
N THR A 336 -6.33 -6.49 -3.50
CA THR A 336 -7.65 -5.92 -3.20
C THR A 336 -7.88 -4.57 -3.84
N GLY A 337 -6.80 -3.81 -4.09
CA GLY A 337 -6.92 -2.42 -4.51
C GLY A 337 -6.82 -1.43 -3.35
N LEU A 338 -6.79 -1.93 -2.12
CA LEU A 338 -6.62 -1.11 -0.91
C LEU A 338 -5.21 -1.23 -0.37
N GLU A 339 -4.33 -2.03 -1.05
CA GLU A 339 -3.02 -2.34 -0.48
C GLU A 339 -2.05 -1.20 -0.75
N SER A 340 -0.98 -1.12 0.06
CA SER A 340 0.19 -0.34 -0.32
C SER A 340 1.39 -1.17 -0.72
N ASN A 341 1.42 -2.41 -0.27
CA ASN A 341 2.58 -3.28 -0.36
C ASN A 341 3.79 -2.66 0.33
N ARG A 342 3.59 -1.81 1.33
CA ARG A 342 4.71 -1.24 2.07
C ARG A 342 4.70 -1.83 3.48
N SER A 343 5.88 -2.31 3.95
CA SER A 343 5.91 -2.92 5.28
C SER A 343 7.30 -2.82 5.87
N ASN A 344 7.39 -3.09 7.18
CA ASN A 344 8.70 -3.06 7.83
C ASN A 344 9.43 -4.41 7.65
N PHE A 345 9.45 -4.92 6.43
CA PHE A 345 9.96 -6.29 6.28
C PHE A 345 11.48 -6.39 6.37
N THR A 346 12.22 -5.28 6.29
CA THR A 346 13.67 -5.36 6.53
C THR A 346 14.01 -5.22 7.99
N GLY A 347 13.03 -5.10 8.87
CA GLY A 347 13.28 -5.12 10.32
C GLY A 347 13.71 -3.77 10.86
N THR A 348 13.37 -2.70 10.19
CA THR A 348 13.68 -1.36 10.70
C THR A 348 12.42 -0.55 10.96
N ARG A 349 12.61 0.60 11.62
CA ARG A 349 11.51 1.54 11.79
C ARG A 349 10.97 2.03 10.45
N SER A 350 11.80 2.05 9.40
CA SER A 350 11.30 2.50 8.10
C SER A 350 10.53 1.40 7.39
N ARG A 351 9.41 1.76 6.79
CA ARG A 351 8.73 0.83 5.87
C ARG A 351 9.31 0.95 4.49
N VAL A 352 9.29 -0.17 3.77
CA VAL A 352 9.93 -0.28 2.47
C VAL A 352 8.89 -0.90 1.53
N HIS A 353 8.93 -0.54 0.25
CA HIS A 353 8.00 -1.20 -0.67
C HIS A 353 8.44 -2.65 -0.90
N ARG A 354 7.55 -3.57 -0.59
CA ARG A 354 7.89 -4.99 -0.68
C ARG A 354 8.31 -5.43 -2.07
N PHE A 355 7.82 -4.77 -3.12
CA PHE A 355 8.19 -5.16 -4.49
C PHE A 355 8.80 -3.98 -5.22
N GLY A 356 9.61 -3.19 -4.49
CA GLY A 356 10.50 -2.18 -5.05
C GLY A 356 9.94 -0.78 -5.10
N GLU A 357 10.74 0.20 -4.67
CA GLU A 357 10.33 1.58 -4.75
C GLU A 357 10.14 2.02 -6.18
N ALA A 358 10.88 1.41 -7.11
CA ALA A 358 10.77 1.80 -8.51
C ALA A 358 9.71 0.96 -9.23
N PHE A 359 9.84 -0.35 -9.12
CA PHE A 359 8.90 -1.24 -9.83
C PHE A 359 7.51 -1.21 -9.18
N ARG A 360 7.43 -1.09 -7.85
CA ARG A 360 6.14 -0.99 -7.16
C ARG A 360 5.17 -2.08 -7.62
N GLY A 361 5.65 -3.31 -7.64
CA GLY A 361 4.86 -4.37 -8.23
C GLY A 361 3.69 -4.77 -7.36
N GLU A 362 2.59 -5.08 -8.02
CA GLU A 362 1.41 -5.74 -7.47
C GLU A 362 1.64 -7.22 -7.67
N LEU A 363 1.17 -8.03 -6.74
CA LEU A 363 1.40 -9.47 -6.79
C LEU A 363 0.34 -10.02 -7.74
N SER A 364 0.65 -9.95 -9.03
CA SER A 364 -0.33 -10.33 -10.04
C SER A 364 0.46 -10.85 -11.23
N ASN A 365 0.37 -12.15 -11.51
CA ASN A 365 1.15 -12.80 -12.56
C ASN A 365 2.62 -12.46 -12.39
N LEU A 366 3.08 -12.51 -11.14
CA LEU A 366 4.39 -11.98 -10.77
C LEU A 366 5.05 -12.95 -9.80
N GLN A 367 6.31 -13.26 -10.03
CA GLN A 367 7.14 -13.99 -9.08
C GLN A 367 8.29 -13.07 -8.71
N ALA A 368 8.66 -12.97 -7.42
CA ALA A 368 9.74 -12.09 -7.03
C ALA A 368 10.66 -12.81 -6.07
N ALA A 369 11.96 -12.68 -6.26
CA ALA A 369 12.92 -13.16 -5.28
C ALA A 369 13.60 -11.92 -4.71
N THR A 370 13.75 -11.89 -3.37
CA THR A 370 14.19 -10.70 -2.69
C THR A 370 15.32 -11.02 -1.74
N LEU A 371 16.31 -10.15 -1.71
CA LEU A 371 17.38 -10.23 -0.70
C LEU A 371 17.47 -8.87 -0.02
N PHE A 372 17.77 -8.85 1.27
CA PHE A 372 17.98 -7.53 1.84
C PHE A 372 18.99 -7.59 2.98
N GLY A 373 19.55 -6.43 3.30
CA GLY A 373 20.22 -6.26 4.57
C GLY A 373 19.81 -4.93 5.17
N SER A 374 19.93 -4.83 6.49
CA SER A 374 19.58 -3.58 7.14
C SER A 374 20.51 -3.31 8.33
N TRP A 375 20.52 -2.05 8.74
CA TRP A 375 21.32 -1.63 9.88
C TRP A 375 20.51 -0.59 10.62
N GLN A 376 20.59 -0.65 11.95
CA GLN A 376 19.92 0.38 12.70
C GLN A 376 20.68 0.62 14.00
N LEU A 377 20.42 1.76 14.58
CA LEU A 377 21.14 2.22 15.76
C LEU A 377 20.12 2.89 16.64
N ARG A 378 19.78 2.24 17.77
CA ARG A 378 18.75 2.72 18.68
C ARG A 378 17.49 3.24 17.97
N GLU A 379 17.04 4.44 18.30
CA GLU A 379 15.95 5.07 17.57
C GLU A 379 16.46 6.21 16.70
N ASP A 380 17.73 6.20 16.38
CA ASP A 380 18.45 7.33 15.77
C ASP A 380 18.67 7.18 14.28
N TYR A 381 18.92 5.95 13.79
CA TYR A 381 19.20 5.76 12.36
C TYR A 381 18.66 4.41 11.93
N ASP A 382 18.36 4.32 10.64
CA ASP A 382 18.22 2.99 10.04
C ASP A 382 18.56 3.07 8.56
N ALA A 383 18.87 1.89 8.00
CA ALA A 383 19.21 1.86 6.59
C ALA A 383 18.88 0.48 6.06
N SER A 384 18.38 0.39 4.81
CA SER A 384 18.09 -0.91 4.20
C SER A 384 18.59 -0.92 2.75
N LEU A 385 19.11 -2.05 2.29
CA LEU A 385 19.55 -2.31 0.91
C LEU A 385 18.79 -3.55 0.47
N VAL A 386 18.03 -3.45 -0.62
CA VAL A 386 17.13 -4.51 -1.01
C VAL A 386 17.37 -4.83 -2.47
N TYR A 387 17.50 -6.10 -2.80
CA TYR A 387 17.58 -6.51 -4.17
C TYR A 387 16.36 -7.35 -4.50
N HIS A 388 15.80 -7.17 -5.70
CA HIS A 388 14.71 -8.01 -6.18
C HIS A 388 15.01 -8.49 -7.57
N LYS A 389 14.55 -9.71 -7.88
CA LYS A 389 14.43 -10.12 -9.28
C LYS A 389 12.99 -10.52 -9.57
N PHE A 390 12.45 -10.11 -10.73
CA PHE A 390 11.04 -10.29 -11.01
C PHE A 390 10.87 -11.05 -12.30
N TRP A 391 9.90 -11.94 -12.29
CA TRP A 391 9.56 -12.71 -13.51
C TRP A 391 8.05 -12.81 -13.63
N ARG A 392 7.53 -12.87 -14.85
CA ARG A 392 6.13 -13.19 -14.99
C ARG A 392 5.90 -14.66 -14.70
N VAL A 393 4.67 -15.00 -14.35
CA VAL A 393 4.32 -16.39 -14.21
C VAL A 393 3.85 -16.96 -15.53
N ASP A 394 3.03 -16.20 -16.21
CA ASP A 394 2.52 -16.54 -17.55
C ASP A 394 2.99 -15.47 -18.54
N ASP A 395 3.81 -15.88 -19.49
CA ASP A 395 4.48 -14.90 -20.33
C ASP A 395 3.58 -14.34 -21.43
N ASP A 396 2.32 -14.75 -21.50
CA ASP A 396 1.36 -14.15 -22.41
C ASP A 396 0.26 -13.37 -21.70
N SER A 397 0.42 -13.08 -20.40
CA SER A 397 -0.55 -12.30 -19.66
C SER A 397 0.13 -11.06 -19.13
N ASP A 398 -0.68 -10.03 -18.91
CA ASP A 398 -0.10 -8.84 -18.34
C ASP A 398 0.24 -9.07 -16.88
N ILE A 399 0.86 -8.08 -16.29
CA ILE A 399 0.99 -8.16 -14.86
C ILE A 399 -0.04 -7.18 -14.36
N GLY A 400 -0.04 -6.90 -13.06
CA GLY A 400 -0.97 -5.91 -12.55
C GLY A 400 -0.43 -4.50 -12.61
N THR A 401 -0.73 -3.71 -11.60
CA THR A 401 -0.17 -2.38 -11.52
C THR A 401 1.33 -2.45 -11.35
N SER A 402 2.01 -1.40 -11.80
CA SER A 402 3.40 -1.23 -11.38
C SER A 402 3.77 0.21 -11.61
N GLY A 403 4.91 0.62 -11.06
CA GLY A 403 5.49 1.91 -11.31
C GLY A 403 6.15 2.06 -12.66
N ILE A 404 6.01 1.08 -13.55
CA ILE A 404 6.60 1.12 -14.88
C ILE A 404 5.47 1.13 -15.90
N ASN A 405 5.44 2.14 -16.78
CA ASN A 405 4.39 2.25 -17.81
C ASN A 405 4.98 1.88 -19.16
N ALA A 406 5.13 0.59 -19.43
CA ALA A 406 5.68 0.18 -20.72
C ALA A 406 5.18 -1.21 -21.04
N ALA A 407 5.02 -1.48 -22.33
CA ALA A 407 4.43 -2.72 -22.79
C ALA A 407 5.37 -3.88 -22.56
N LEU A 408 4.81 -5.01 -22.18
CA LEU A 408 5.57 -6.23 -22.06
C LEU A 408 5.53 -6.97 -23.39
N GLN A 409 6.66 -7.58 -23.77
CA GLN A 409 6.73 -8.35 -25.03
C GLN A 409 6.14 -9.73 -24.83
N PRO A 410 5.25 -10.19 -25.72
CA PRO A 410 4.69 -11.54 -25.54
C PRO A 410 5.76 -12.62 -25.49
N GLY A 411 5.55 -13.61 -24.63
CA GLY A 411 6.48 -14.70 -24.58
C GLY A 411 7.75 -14.48 -23.77
N GLU A 412 7.93 -13.32 -23.12
CA GLU A 412 9.15 -13.07 -22.34
C GLU A 412 8.80 -13.03 -20.85
N LYS A 413 9.44 -13.88 -20.06
CA LYS A 413 9.16 -13.84 -18.61
C LYS A 413 10.04 -12.90 -17.81
N ASP A 414 11.14 -12.38 -18.34
CA ASP A 414 12.14 -11.66 -17.53
C ASP A 414 11.69 -10.20 -17.38
N ILE A 415 11.05 -9.88 -16.27
CA ILE A 415 10.59 -8.51 -16.05
C ILE A 415 11.76 -7.61 -15.74
N GLY A 416 12.64 -8.02 -14.81
CA GLY A 416 13.82 -7.23 -14.52
C GLY A 416 14.31 -7.41 -13.10
N GLN A 417 15.21 -6.53 -12.71
CA GLN A 417 15.83 -6.54 -11.40
C GLN A 417 15.84 -5.15 -10.79
N GLU A 418 15.99 -5.09 -9.48
CA GLU A 418 15.94 -3.82 -8.81
C GLU A 418 16.86 -3.81 -7.60
N LEU A 419 17.47 -2.66 -7.35
CA LEU A 419 18.23 -2.43 -6.14
C LEU A 419 17.66 -1.18 -5.47
N ASP A 420 17.30 -1.27 -4.20
CA ASP A 420 16.75 -0.16 -3.42
C ASP A 420 17.65 0.17 -2.24
N LEU A 421 17.67 1.45 -1.88
CA LEU A 421 18.38 1.90 -0.69
C LEU A 421 17.45 2.83 0.04
N VAL A 422 17.30 2.59 1.34
CA VAL A 422 16.53 3.51 2.18
C VAL A 422 17.44 3.87 3.35
N VAL A 423 17.61 5.16 3.62
CA VAL A 423 18.48 5.57 4.74
C VAL A 423 17.75 6.66 5.52
N THR A 424 17.69 6.54 6.87
CA THR A 424 16.88 7.44 7.69
C THR A 424 17.63 7.92 8.91
N LYS A 425 17.50 9.21 9.17
CA LYS A 425 17.97 9.77 10.43
C LYS A 425 16.75 10.27 11.13
N TYR A 426 16.61 9.93 12.42
CA TYR A 426 15.49 10.35 13.27
C TYR A 426 16.06 11.41 14.19
N PHE A 427 15.33 12.53 14.35
CA PHE A 427 15.77 13.66 15.19
C PHE A 427 14.78 13.88 16.33
N LYS A 428 15.23 14.59 17.35
CA LYS A 428 14.27 15.21 18.28
C LYS A 428 13.50 16.32 17.60
N VAL A 440 18.33 10.03 20.78
CA VAL A 440 16.97 10.56 20.90
C VAL A 440 16.03 9.48 21.43
N ASP A 441 15.24 9.81 22.47
CA ASP A 441 14.37 8.81 23.10
C ASP A 441 13.20 8.42 22.20
N GLU A 442 12.36 9.39 21.83
CA GLU A 442 11.39 9.15 20.76
C GLU A 442 11.44 10.34 19.81
N PRO A 443 11.78 10.12 18.55
CA PRO A 443 12.00 11.25 17.66
C PRO A 443 10.71 11.90 17.26
N SER A 444 10.81 13.18 16.90
CA SER A 444 9.65 13.93 16.42
C SER A 444 9.86 14.34 14.96
N ALA A 445 11.01 14.03 14.36
CA ALA A 445 11.25 14.43 12.99
C ALA A 445 12.20 13.42 12.35
N LEU A 446 12.22 13.41 11.04
CA LEU A 446 13.15 12.49 10.37
C LEU A 446 13.53 13.08 9.02
N ILE A 447 14.67 12.65 8.50
N ILE A 447 14.67 12.62 8.50
CA ILE A 447 14.94 12.85 7.10
CA ILE A 447 15.01 12.89 7.11
C ILE A 447 15.30 11.50 6.51
C ILE A 447 15.41 11.56 6.47
N ARG A 448 14.85 11.27 5.29
CA ARG A 448 15.02 9.96 4.67
C ARG A 448 15.34 10.09 3.22
N PHE A 449 16.25 9.25 2.74
CA PHE A 449 16.45 9.00 1.34
C PHE A 449 15.84 7.66 1.01
N ARG A 450 15.05 7.58 -0.04
CA ARG A 450 14.39 6.34 -0.42
C ARG A 450 14.55 6.25 -1.91
N GLY A 451 15.22 5.24 -2.42
CA GLY A 451 15.42 5.21 -3.87
C GLY A 451 15.42 3.81 -4.42
N GLY A 452 15.01 3.69 -5.65
CA GLY A 452 15.00 2.41 -6.33
C GLY A 452 15.62 2.57 -7.70
N LEU A 453 16.47 1.59 -8.05
CA LEU A 453 17.03 1.53 -9.40
C LEU A 453 16.53 0.25 -10.07
N PHE A 454 15.84 0.39 -11.21
CA PHE A 454 15.19 -0.76 -11.86
C PHE A 454 15.85 -1.01 -13.18
N LYS A 455 16.28 -2.25 -13.41
CA LYS A 455 16.92 -2.58 -14.68
C LYS A 455 15.98 -3.48 -15.47
N PRO A 456 15.26 -2.96 -16.47
CA PRO A 456 14.31 -3.78 -17.22
C PRO A 456 14.95 -5.00 -17.84
N GLY A 457 14.22 -6.10 -17.83
CA GLY A 457 14.66 -7.33 -18.47
C GLY A 457 14.08 -7.45 -19.87
N ASP A 458 14.19 -8.66 -20.43
CA ASP A 458 13.87 -8.82 -21.86
C ASP A 458 12.40 -8.65 -22.14
N ALA A 459 11.52 -8.78 -21.13
CA ALA A 459 10.10 -8.54 -21.38
C ALA A 459 9.81 -7.12 -21.82
N TYR A 460 10.74 -6.19 -21.64
CA TYR A 460 10.43 -4.84 -22.08
C TYR A 460 10.86 -4.52 -23.51
N GLY A 461 11.78 -5.25 -24.09
CA GLY A 461 11.96 -5.16 -25.54
C GLY A 461 12.76 -3.96 -25.99
N PRO A 462 13.15 -3.95 -27.25
CA PRO A 462 14.12 -2.95 -27.71
C PRO A 462 13.56 -1.53 -27.72
N GLY A 463 14.47 -0.57 -27.72
CA GLY A 463 14.07 0.81 -27.66
C GLY A 463 13.75 1.30 -26.28
N THR A 464 13.81 0.43 -25.28
CA THR A 464 13.55 0.85 -23.92
C THR A 464 14.88 1.23 -23.24
N ASP A 465 14.77 2.12 -22.25
CA ASP A 465 15.93 2.54 -21.46
C ASP A 465 16.54 1.34 -20.75
N SER A 466 17.86 1.40 -20.52
CA SER A 466 18.52 0.30 -19.84
C SER A 466 18.29 0.31 -18.33
N THR A 467 17.99 1.47 -17.76
CA THR A 467 17.66 1.56 -16.33
C THR A 467 16.68 2.70 -16.14
N MET A 468 15.99 2.64 -15.01
CA MET A 468 15.01 3.62 -14.60
C MET A 468 15.24 3.84 -13.12
N HIS A 469 15.01 5.06 -12.62
CA HIS A 469 15.04 5.20 -11.18
C HIS A 469 13.84 6.00 -10.69
N ARG A 470 13.55 5.81 -9.40
CA ARG A 470 12.63 6.68 -8.66
C ARG A 470 13.25 6.88 -7.27
N ALA A 471 13.48 8.14 -6.88
CA ALA A 471 14.18 8.43 -5.65
C ALA A 471 13.51 9.62 -4.98
N PHE A 472 13.49 9.61 -3.66
CA PHE A 472 12.86 10.64 -2.84
C PHE A 472 13.82 11.05 -1.74
N VAL A 473 13.76 12.33 -1.37
CA VAL A 473 14.20 12.76 -0.06
C VAL A 473 12.96 13.30 0.62
N ASP A 474 12.68 12.83 1.83
CA ASP A 474 11.54 13.32 2.61
C ASP A 474 12.07 13.87 3.91
N PHE A 475 11.61 15.06 4.27
CA PHE A 475 11.84 15.63 5.59
C PHE A 475 10.48 15.76 6.26
N ILE A 476 10.32 15.17 7.45
CA ILE A 476 9.00 15.07 8.10
C ILE A 476 9.19 15.56 9.52
N TRP A 477 8.35 16.49 9.95
CA TRP A 477 8.40 17.03 11.31
C TRP A 477 6.98 16.94 11.84
N ARG A 478 6.78 16.38 13.03
CA ARG A 478 5.47 16.39 13.68
C ARG A 478 5.51 17.31 14.88
N PHE A 479 4.53 18.20 14.95
CA PHE A 479 4.33 19.15 16.07
C PHE A 479 3.06 18.89 16.81
#